data_4EW5
#
_entry.id   4EW5
#
_cell.length_a   49.870
_cell.length_b   54.811
_cell.length_c   73.992
_cell.angle_alpha   90.000
_cell.angle_beta   90.000
_cell.angle_gamma   90.000
#
_symmetry.space_group_name_H-M   'P 21 21 21'
#
loop_
_entity.id
_entity.type
_entity.pdbx_description
1 polymer 'CigR Protein'
2 non-polymer 1,2-ETHANEDIOL
3 water water
#
_entity_poly.entity_id   1
_entity_poly.type   'polypeptide(L)'
_entity_poly.pdbx_seq_one_letter_code
;HRKNGGKPDHVESDISYAVARQLAVNLGLTGYQSLPPGIAKNLARGKPLPPGIAKKTVPAS(MSE)LGQLPYYPGYEWKI
VGDNLVLIALSTAVVTAIINGVFDLE
;
_entity_poly.pdbx_strand_id   A,B
#
loop_
_chem_comp.id
_chem_comp.type
_chem_comp.name
_chem_comp.formula
EDO non-polymer 1,2-ETHANEDIOL 'C2 H6 O2'
#
# COMPACT_ATOMS: atom_id res chain seq x y z
N HIS A 1 -0.11 -1.44 -19.57
CA HIS A 1 0.92 -2.17 -18.81
C HIS A 1 0.81 -1.75 -17.37
N ARG A 2 1.74 -2.26 -16.56
CA ARG A 2 1.91 -1.84 -15.15
C ARG A 2 2.56 -0.45 -15.05
N LYS A 3 2.30 0.23 -13.97
CA LYS A 3 2.87 1.55 -13.75
C LYS A 3 4.30 1.39 -13.32
N ASN A 4 5.21 1.98 -14.12
CA ASN A 4 6.63 2.05 -13.83
C ASN A 4 6.89 2.95 -12.62
N GLY A 5 7.31 2.33 -11.52
CA GLY A 5 7.46 3.05 -10.25
C GLY A 5 8.92 3.52 -10.06
N GLY A 6 9.76 3.31 -11.05
CA GLY A 6 11.17 3.71 -10.98
C GLY A 6 11.92 2.93 -9.93
N LYS A 7 12.54 3.64 -9.01
CA LYS A 7 13.28 3.00 -7.92
C LYS A 7 12.28 2.59 -6.86
N PRO A 8 12.43 1.38 -6.31
CA PRO A 8 11.47 0.90 -5.29
C PRO A 8 11.86 1.46 -3.93
N ASP A 9 11.95 2.78 -3.80
CA ASP A 9 12.26 3.39 -2.51
C ASP A 9 11.07 3.68 -1.61
N HIS A 10 9.85 3.57 -2.12
CA HIS A 10 8.67 3.66 -1.26
C HIS A 10 7.61 2.84 -1.84
N VAL A 11 7.81 1.54 -1.77
CA VAL A 11 6.92 0.64 -2.49
C VAL A 11 5.50 0.67 -1.86
N GLU A 12 5.44 0.67 -0.55
CA GLU A 12 4.13 0.67 0.10
C GLU A 12 3.37 1.98 -0.18
N SER A 13 4.08 3.10 -0.29
CA SER A 13 3.42 4.36 -0.65
CA SER A 13 3.46 4.37 -0.67
C SER A 13 2.88 4.26 -2.08
N ASP A 14 3.63 3.64 -3.01
CA ASP A 14 3.18 3.48 -4.39
C ASP A 14 1.87 2.64 -4.42
N ILE A 15 1.92 1.51 -3.73
CA ILE A 15 0.72 0.64 -3.67
C ILE A 15 -0.50 1.37 -3.11
N SER A 16 -0.31 2.13 -2.05
CA SER A 16 -1.34 2.85 -1.38
C SER A 16 -1.94 3.94 -2.23
N TYR A 17 -1.10 4.72 -2.87
CA TYR A 17 -1.61 5.70 -3.86
C TYR A 17 -2.39 4.98 -4.98
N ALA A 18 -1.86 3.89 -5.52
CA ALA A 18 -2.50 3.26 -6.70
C ALA A 18 -3.91 2.83 -6.39
N VAL A 19 -4.13 2.23 -5.22
CA VAL A 19 -5.49 1.74 -4.91
C VAL A 19 -6.45 2.91 -4.53
N ALA A 20 -5.91 3.94 -3.87
CA ALA A 20 -6.71 5.14 -3.52
C ALA A 20 -7.11 5.86 -4.79
N ARG A 21 -6.21 5.92 -5.78
CA ARG A 21 -6.52 6.57 -7.04
C ARG A 21 -7.50 5.73 -7.85
N GLN A 22 -7.36 4.42 -7.83
CA GLN A 22 -8.39 3.55 -8.45
C GLN A 22 -9.76 3.74 -7.86
N LEU A 23 -9.84 3.83 -6.52
CA LEU A 23 -11.11 4.08 -5.87
C LEU A 23 -11.66 5.44 -6.27
N ALA A 24 -10.86 6.51 -6.06
CA ALA A 24 -11.38 7.85 -6.45
C ALA A 24 -11.91 7.92 -7.88
N VAL A 25 -11.12 7.46 -8.86
CA VAL A 25 -11.48 7.61 -10.24
C VAL A 25 -12.74 6.79 -10.56
N ASN A 26 -12.76 5.54 -10.14
CA ASN A 26 -13.92 4.66 -10.43
C ASN A 26 -15.18 4.97 -9.70
N LEU A 27 -15.09 5.78 -8.63
CA LEU A 27 -16.25 6.33 -7.93
C LEU A 27 -16.59 7.77 -8.31
N GLY A 28 -15.87 8.35 -9.27
CA GLY A 28 -16.19 9.71 -9.72
C GLY A 28 -15.73 10.85 -8.80
N LEU A 29 -14.79 10.58 -7.93
CA LEU A 29 -14.31 11.56 -6.97
C LEU A 29 -13.02 12.20 -7.48
N THR A 30 -13.06 12.87 -8.63
CA THR A 30 -11.88 13.54 -9.11
C THR A 30 -12.19 14.99 -9.41
N GLY A 31 -11.14 15.79 -9.51
CA GLY A 31 -11.25 17.17 -9.89
C GLY A 31 -11.37 18.08 -8.71
N TYR A 32 -10.95 17.62 -7.55
CA TYR A 32 -11.05 18.43 -6.34
C TYR A 32 -9.98 19.49 -6.35
N GLN A 33 -10.30 20.64 -5.78
CA GLN A 33 -9.33 21.72 -5.74
C GLN A 33 -8.25 21.45 -4.70
N SER A 34 -7.02 21.78 -5.08
CA SER A 34 -5.88 21.68 -4.18
C SER A 34 -5.98 22.74 -3.13
N LEU A 35 -5.23 22.52 -2.06
CA LEU A 35 -5.15 23.41 -0.92
C LEU A 35 -4.52 24.68 -1.41
N PRO A 36 -4.82 25.78 -0.74
CA PRO A 36 -4.10 26.99 -1.06
C PRO A 36 -2.57 26.82 -1.07
N PRO A 37 -1.89 27.53 -1.96
CA PRO A 37 -0.42 27.44 -2.00
C PRO A 37 0.12 28.01 -0.67
N GLY A 38 1.16 27.37 -0.12
CA GLY A 38 1.64 27.66 1.22
C GLY A 38 1.10 26.62 2.17
N ILE A 39 -0.15 26.18 1.93
CA ILE A 39 -0.74 25.08 2.70
C ILE A 39 -0.55 23.74 2.01
N ALA A 40 -0.72 23.76 0.69
CA ALA A 40 -0.67 22.60 -0.17
C ALA A 40 0.25 21.46 0.18
N LYS A 41 1.54 21.66 0.13
CA LYS A 41 2.38 20.44 0.31
C LYS A 41 2.82 20.28 1.78
N ASN A 42 2.12 20.95 2.71
CA ASN A 42 2.69 21.21 4.03
C ASN A 42 1.89 20.64 5.17
N LEU A 43 1.05 19.66 4.90
CA LEU A 43 0.41 18.93 6.01
C LEU A 43 1.50 18.19 6.76
N ALA A 44 1.38 18.10 8.06
CA ALA A 44 2.43 17.42 8.83
C ALA A 44 1.86 16.24 9.62
N ARG A 45 2.35 14.99 9.40
CA ARG A 45 2.01 13.89 10.28
CA ARG A 45 2.02 13.89 10.28
C ARG A 45 2.35 14.24 11.72
N GLY A 46 1.44 13.96 12.62
CA GLY A 46 1.64 14.19 14.04
C GLY A 46 1.20 15.56 14.53
N LYS A 47 0.68 16.39 13.60
CA LYS A 47 0.13 17.68 13.96
C LYS A 47 -1.29 17.76 13.44
N PRO A 48 -2.13 18.61 14.03
CA PRO A 48 -3.51 18.76 13.58
C PRO A 48 -3.56 19.39 12.20
N LEU A 49 -4.63 19.12 11.48
CA LEU A 49 -4.89 19.81 10.24
C LEU A 49 -4.94 21.31 10.54
N PRO A 50 -4.33 22.16 9.71
CA PRO A 50 -4.32 23.59 10.05
C PRO A 50 -5.72 24.16 10.19
N PRO A 51 -5.87 25.22 11.00
CA PRO A 51 -7.22 25.75 11.23
C PRO A 51 -7.80 26.36 9.94
N GLY A 52 -9.12 26.27 9.78
CA GLY A 52 -9.75 26.86 8.62
C GLY A 52 -9.57 26.02 7.36
N ILE A 53 -9.01 24.83 7.43
CA ILE A 53 -8.85 23.96 6.25
C ILE A 53 -9.95 22.90 6.36
N ALA A 54 -10.81 22.86 5.36
CA ALA A 54 -11.89 21.89 5.31
C ALA A 54 -11.41 20.42 5.25
N LYS A 55 -12.10 19.53 5.95
CA LYS A 55 -11.87 18.10 5.77
C LYS A 55 -13.19 17.50 5.36
N LYS A 56 -13.27 16.98 4.14
CA LYS A 56 -14.56 16.56 3.60
C LYS A 56 -14.77 15.09 3.71
N THR A 57 -16.02 14.68 3.72
CA THR A 57 -16.36 13.31 3.98
C THR A 57 -16.08 12.41 2.84
N VAL A 58 -15.49 11.27 3.12
CA VAL A 58 -15.26 10.27 2.11
C VAL A 58 -16.50 9.38 2.09
N PRO A 59 -17.03 9.07 0.90
CA PRO A 59 -18.26 8.25 0.85
C PRO A 59 -18.05 6.83 1.37
N ALA A 60 -19.13 6.24 1.93
CA ALA A 60 -19.11 4.86 2.46
C ALA A 60 -18.60 3.88 1.46
N SER A 61 -18.92 4.05 0.19
CA SER A 61 -18.42 3.13 -0.82
C SER A 61 -16.89 3.08 -0.78
N MSE A 62 -16.23 4.22 -0.61
CA MSE A 62 -14.78 4.21 -0.54
C MSE A 62 -14.23 3.81 0.82
O MSE A 62 -13.19 3.12 0.90
CB MSE A 62 -14.23 5.58 -0.98
CG MSE A 62 -12.77 5.68 -0.93
SE MSE A 62 -12.25 7.22 -2.11
CE MSE A 62 -10.37 7.03 -1.94
N LEU A 63 -14.87 4.21 1.90
CA LEU A 63 -14.45 3.84 3.22
C LEU A 63 -14.47 2.35 3.48
N GLY A 64 -15.37 1.65 2.81
CA GLY A 64 -15.37 0.21 2.82
C GLY A 64 -14.12 -0.48 2.30
N GLN A 65 -13.28 0.25 1.53
CA GLN A 65 -12.12 -0.28 0.84
C GLN A 65 -10.80 0.27 1.31
N LEU A 66 -10.84 1.09 2.35
CA LEU A 66 -9.71 1.60 3.03
C LEU A 66 -9.68 1.03 4.47
N PRO A 67 -8.50 0.90 5.06
CA PRO A 67 -8.42 0.38 6.43
C PRO A 67 -9.14 1.20 7.46
N TYR A 68 -9.68 0.55 8.47
CA TYR A 68 -10.46 1.24 9.45
C TYR A 68 -9.72 1.13 10.77
N TYR A 69 -9.48 2.28 11.38
CA TYR A 69 -8.83 2.38 12.70
C TYR A 69 -9.71 3.13 13.62
N PRO A 70 -10.27 2.43 14.64
CA PRO A 70 -11.16 3.05 15.58
C PRO A 70 -10.50 4.30 16.13
N GLY A 71 -11.24 5.39 16.18
CA GLY A 71 -10.70 6.69 16.61
C GLY A 71 -10.04 7.52 15.56
N TYR A 72 -10.14 7.10 14.31
CA TYR A 72 -9.55 7.89 13.15
C TYR A 72 -10.54 7.80 11.99
N GLU A 73 -10.45 8.73 11.04
CA GLU A 73 -11.30 8.70 9.87
C GLU A 73 -10.58 9.27 8.69
N TRP A 74 -10.86 8.70 7.52
CA TRP A 74 -10.29 9.16 6.27
C TRP A 74 -11.09 10.39 5.79
N LYS A 75 -10.39 11.41 5.33
CA LYS A 75 -11.01 12.65 4.86
C LYS A 75 -10.41 13.08 3.53
N ILE A 76 -11.15 13.89 2.80
CA ILE A 76 -10.63 14.57 1.63
C ILE A 76 -10.18 15.98 2.10
N VAL A 77 -8.92 16.28 1.87
CA VAL A 77 -8.28 17.56 2.27
C VAL A 77 -7.61 18.09 1.03
N GLY A 78 -8.19 19.13 0.42
CA GLY A 78 -7.69 19.63 -0.86
C GLY A 78 -8.01 18.52 -1.85
N ASP A 79 -6.99 18.10 -2.58
CA ASP A 79 -7.14 16.89 -3.45
C ASP A 79 -6.44 15.63 -2.91
N ASN A 80 -6.21 15.60 -1.61
CA ASN A 80 -5.45 14.51 -0.96
C ASN A 80 -6.33 13.64 -0.10
N LEU A 81 -5.86 12.43 0.16
CA LEU A 81 -6.62 11.54 1.05
C LEU A 81 -5.86 11.52 2.38
N VAL A 82 -6.52 11.80 3.50
CA VAL A 82 -5.81 12.05 4.77
C VAL A 82 -6.53 11.33 5.90
N LEU A 83 -5.83 10.48 6.65
CA LEU A 83 -6.37 9.86 7.79
C LEU A 83 -6.11 10.83 8.97
N ILE A 84 -7.14 11.05 9.76
CA ILE A 84 -7.10 12.10 10.78
C ILE A 84 -7.68 11.52 12.05
N ALA A 85 -6.99 11.72 13.18
CA ALA A 85 -7.52 11.35 14.48
C ALA A 85 -8.78 12.14 14.82
N LEU A 86 -9.80 11.44 15.26
CA LEU A 86 -11.03 12.08 15.60
C LEU A 86 -10.76 12.97 16.78
N SER A 87 -11.50 14.03 16.86
CA SER A 87 -11.39 14.96 17.98
C SER A 87 -10.15 15.86 17.86
N THR A 88 -8.92 15.32 17.84
CA THR A 88 -7.72 16.18 17.82
C THR A 88 -7.37 16.65 16.42
N ALA A 89 -7.92 15.97 15.42
CA ALA A 89 -7.68 16.34 13.98
C ALA A 89 -6.19 16.16 13.63
N VAL A 90 -5.46 15.37 14.42
CA VAL A 90 -4.04 15.04 14.17
C VAL A 90 -3.90 14.19 12.90
N VAL A 91 -3.12 14.72 11.98
CA VAL A 91 -2.89 14.09 10.71
C VAL A 91 -2.02 12.86 10.94
N THR A 92 -2.50 11.75 10.42
CA THR A 92 -1.93 10.45 10.71
C THR A 92 -1.34 9.72 9.49
N ALA A 93 -1.87 9.97 8.32
CA ALA A 93 -1.33 9.43 7.08
C ALA A 93 -1.84 10.32 6.02
N ILE A 94 -1.01 10.52 4.99
CA ILE A 94 -1.32 11.40 3.94
C ILE A 94 -1.00 10.64 2.63
N ILE A 95 -1.95 10.57 1.73
CA ILE A 95 -1.73 10.08 0.36
C ILE A 95 -2.10 11.16 -0.59
N ASN A 96 -1.09 11.79 -1.18
CA ASN A 96 -1.33 12.96 -2.01
C ASN A 96 -1.87 12.70 -3.43
N GLY A 97 -2.71 13.61 -3.89
CA GLY A 97 -3.16 13.66 -5.24
C GLY A 97 -4.27 12.71 -5.67
N VAL A 98 -4.81 11.99 -4.69
CA VAL A 98 -5.80 10.94 -4.95
C VAL A 98 -7.02 11.44 -5.70
N PHE A 99 -7.43 12.67 -5.41
CA PHE A 99 -8.66 13.28 -5.94
C PHE A 99 -8.43 14.37 -6.98
N ASP A 100 -7.21 14.43 -7.48
CA ASP A 100 -6.87 15.37 -8.57
C ASP A 100 -7.66 15.04 -9.80
N LEU A 101 -7.83 16.04 -10.64
CA LEU A 101 -8.51 15.85 -11.93
C LEU A 101 -7.83 14.74 -12.78
N GLU A 102 -8.59 14.03 -13.58
CA GLU A 102 -8.05 12.90 -14.39
C GLU A 102 -7.24 13.27 -15.63
N GLY B 5 -2.68 -3.73 18.12
CA GLY B 5 -3.74 -4.16 17.16
C GLY B 5 -4.80 -3.11 16.88
N GLY B 6 -5.11 -2.87 15.59
CA GLY B 6 -6.17 -1.90 15.23
C GLY B 6 -5.77 -0.43 15.29
N LYS B 7 -4.48 -0.17 15.50
CA LYS B 7 -3.92 1.16 15.56
C LYS B 7 -3.17 1.45 14.28
N PRO B 8 -3.12 2.74 13.86
CA PRO B 8 -2.51 3.09 12.57
C PRO B 8 -1.02 3.38 12.68
N ASP B 9 -0.26 2.39 13.15
CA ASP B 9 1.19 2.51 13.28
C ASP B 9 1.91 2.42 11.92
N HIS B 10 1.35 1.68 11.01
CA HIS B 10 1.97 1.53 9.72
C HIS B 10 0.90 1.49 8.64
N VAL B 11 0.34 2.64 8.32
CA VAL B 11 -0.90 2.69 7.52
C VAL B 11 -0.62 2.20 6.08
N GLU B 12 0.47 2.66 5.49
CA GLU B 12 0.73 2.25 4.10
C GLU B 12 1.01 0.75 3.99
N SER B 13 1.64 0.16 5.02
CA SER B 13 1.86 -1.29 5.04
CA SER B 13 1.86 -1.28 5.06
C SER B 13 0.50 -2.01 5.14
N ASP B 14 -0.43 -1.47 5.90
CA ASP B 14 -1.77 -2.07 6.08
C ASP B 14 -2.53 -1.98 4.76
N ILE B 15 -2.44 -0.82 4.10
CA ILE B 15 -3.09 -0.67 2.79
C ILE B 15 -2.54 -1.70 1.79
N SER B 16 -1.22 -1.80 1.75
CA SER B 16 -0.53 -2.70 0.82
C SER B 16 -0.85 -4.14 1.09
N TYR B 17 -0.95 -4.55 2.34
CA TYR B 17 -1.35 -5.90 2.63
C TYR B 17 -2.75 -6.18 2.15
N ALA B 18 -3.65 -5.25 2.38
CA ALA B 18 -5.09 -5.42 2.01
C ALA B 18 -5.22 -5.55 0.51
N VAL B 19 -4.48 -4.74 -0.24
CA VAL B 19 -4.54 -4.76 -1.74
C VAL B 19 -4.03 -6.14 -2.14
N ALA B 20 -2.83 -6.53 -1.69
CA ALA B 20 -2.25 -7.79 -2.07
C ALA B 20 -3.14 -8.98 -1.68
N ARG B 21 -3.64 -8.97 -0.47
CA ARG B 21 -4.46 -10.07 0.02
C ARG B 21 -5.75 -10.20 -0.77
N GLN B 22 -6.41 -9.10 -1.06
CA GLN B 22 -7.59 -9.14 -1.87
C GLN B 22 -7.33 -9.61 -3.28
N LEU B 23 -6.23 -9.18 -3.91
CA LEU B 23 -5.93 -9.70 -5.28
C LEU B 23 -5.81 -11.25 -5.21
N ALA B 24 -5.02 -11.73 -4.23
CA ALA B 24 -4.84 -13.14 -4.02
C ALA B 24 -6.15 -13.92 -3.76
N VAL B 25 -6.96 -13.46 -2.82
CA VAL B 25 -8.25 -14.09 -2.52
C VAL B 25 -9.13 -14.07 -3.74
N ASN B 26 -9.18 -12.92 -4.45
CA ASN B 26 -10.08 -12.83 -5.62
C ASN B 26 -9.71 -13.79 -6.76
N LEU B 27 -8.43 -14.11 -6.88
CA LEU B 27 -7.95 -15.09 -7.85
CA LEU B 27 -7.92 -15.08 -7.85
C LEU B 27 -7.94 -16.55 -7.34
N GLY B 28 -8.32 -16.76 -6.10
CA GLY B 28 -8.17 -18.07 -5.45
C GLY B 28 -6.73 -18.51 -5.22
N LEU B 29 -5.81 -17.55 -5.14
CA LEU B 29 -4.37 -17.80 -4.96
C LEU B 29 -3.99 -17.89 -3.45
N THR B 30 -4.42 -18.97 -2.84
CA THR B 30 -4.32 -19.12 -1.40
C THR B 30 -3.98 -20.59 -1.05
N GLY B 31 -3.49 -20.78 0.19
CA GLY B 31 -3.00 -22.10 0.66
C GLY B 31 -1.56 -22.36 0.21
N TYR B 32 -0.77 -21.31 0.12
CA TYR B 32 0.65 -21.49 -0.03
C TYR B 32 1.15 -21.69 1.40
N GLN B 33 2.21 -22.46 1.59
CA GLN B 33 2.72 -22.73 2.93
C GLN B 33 3.64 -21.64 3.37
N SER B 34 3.54 -21.19 4.61
CA SER B 34 4.53 -20.22 5.08
C SER B 34 5.91 -20.91 5.15
N LEU B 35 6.93 -20.09 5.25
CA LEU B 35 8.27 -20.62 5.46
C LEU B 35 8.29 -21.22 6.89
N PRO B 36 8.92 -22.36 7.05
CA PRO B 36 9.16 -22.87 8.39
C PRO B 36 10.11 -21.90 9.16
N PRO B 37 10.08 -21.94 10.48
CA PRO B 37 10.83 -20.97 11.30
C PRO B 37 12.31 -20.83 11.00
N GLY B 38 12.99 -21.94 10.74
CA GLY B 38 14.45 -21.87 10.46
C GLY B 38 14.86 -21.32 9.11
N ILE B 39 13.91 -21.16 8.21
CA ILE B 39 14.14 -20.50 6.94
CA ILE B 39 14.10 -20.50 6.93
C ILE B 39 13.58 -19.07 7.04
N ALA B 40 12.41 -18.93 7.67
CA ALA B 40 11.73 -17.64 7.80
C ALA B 40 12.68 -16.57 8.34
N LYS B 41 13.52 -16.91 9.30
CA LYS B 41 14.40 -15.90 9.91
C LYS B 41 15.36 -15.31 8.87
N ASN B 42 15.55 -16.00 7.75
CA ASN B 42 16.46 -15.52 6.68
C ASN B 42 15.83 -14.75 5.51
N LEU B 43 14.52 -14.57 5.57
CA LEU B 43 13.82 -13.76 4.62
C LEU B 43 13.76 -12.39 5.29
N ALA B 44 14.45 -11.40 4.72
CA ALA B 44 14.56 -10.08 5.36
C ALA B 44 14.99 -9.05 4.29
N ARG B 45 14.37 -7.88 4.38
CA ARG B 45 14.68 -6.71 3.58
CA ARG B 45 14.69 -6.74 3.54
C ARG B 45 16.18 -6.49 3.59
N GLY B 46 16.79 -6.36 2.42
CA GLY B 46 18.21 -6.21 2.33
C GLY B 46 19.02 -7.47 2.29
N LYS B 47 18.44 -8.66 2.55
CA LYS B 47 19.24 -9.89 2.50
C LYS B 47 18.90 -10.62 1.23
N PRO B 48 19.84 -11.42 0.74
CA PRO B 48 19.57 -12.26 -0.40
C PRO B 48 18.61 -13.32 0.03
N LEU B 49 17.71 -13.65 -0.85
CA LEU B 49 16.85 -14.78 -0.65
C LEU B 49 17.78 -15.97 -0.39
N PRO B 50 17.51 -16.76 0.66
CA PRO B 50 18.30 -17.99 0.80
C PRO B 50 18.11 -18.91 -0.42
N PRO B 51 19.21 -19.46 -0.98
CA PRO B 51 19.00 -20.55 -1.94
C PRO B 51 18.38 -21.80 -1.24
N GLY B 52 17.81 -22.69 -2.04
CA GLY B 52 17.04 -23.82 -1.50
C GLY B 52 15.57 -23.54 -1.66
N ILE B 53 15.20 -22.33 -1.27
CA ILE B 53 13.83 -21.85 -1.29
C ILE B 53 13.17 -21.78 -2.66
N ALA B 54 11.97 -22.34 -2.78
CA ALA B 54 11.14 -22.11 -3.95
C ALA B 54 10.72 -20.61 -4.01
N LYS B 55 10.93 -19.96 -5.15
CA LYS B 55 10.34 -18.64 -5.43
C LYS B 55 9.33 -18.97 -6.45
N LYS B 56 8.07 -18.72 -6.19
CA LYS B 56 7.03 -19.03 -7.15
CA LYS B 56 7.03 -19.02 -7.16
C LYS B 56 6.65 -17.77 -7.93
N THR B 57 6.05 -17.99 -9.10
CA THR B 57 5.76 -16.91 -10.03
C THR B 57 4.44 -16.33 -9.60
N VAL B 58 4.34 -15.01 -9.54
CA VAL B 58 3.04 -14.39 -9.28
C VAL B 58 2.25 -14.46 -10.59
N PRO B 59 1.05 -15.03 -10.57
CA PRO B 59 0.25 -15.16 -11.79
C PRO B 59 -0.01 -13.82 -12.47
N ALA B 60 0.16 -13.77 -13.80
CA ALA B 60 -0.06 -12.57 -14.63
C ALA B 60 -1.21 -11.74 -14.18
N SER B 61 -2.34 -12.39 -13.89
CA SER B 61 -3.56 -11.65 -13.56
CA SER B 61 -3.57 -11.67 -13.55
C SER B 61 -3.33 -10.74 -12.34
N MSE B 62 -2.55 -11.23 -11.39
CA MSE B 62 -2.26 -10.43 -10.25
C MSE B 62 -1.10 -9.46 -10.45
O MSE B 62 -1.10 -8.31 -9.95
CB MSE B 62 -1.87 -11.39 -9.10
CG MSE B 62 -1.53 -10.65 -7.81
SE MSE B 62 -1.52 -11.87 -6.29
CE MSE B 62 -0.89 -10.56 -5.07
N LEU B 63 -0.06 -9.94 -11.11
CA LEU B 63 1.19 -9.20 -11.27
C LEU B 63 0.91 -7.96 -12.09
N GLY B 64 -0.05 -8.06 -13.01
CA GLY B 64 -0.53 -6.93 -13.77
C GLY B 64 -1.13 -5.79 -12.99
N GLN B 65 -1.41 -6.01 -11.68
CA GLN B 65 -1.96 -5.01 -10.80
C GLN B 65 -0.98 -4.49 -9.82
N LEU B 66 0.26 -4.97 -9.85
CA LEU B 66 1.24 -4.55 -8.90
C LEU B 66 2.18 -3.55 -9.60
N PRO B 67 2.74 -2.63 -8.85
CA PRO B 67 3.76 -1.73 -9.46
C PRO B 67 4.91 -2.45 -10.10
N TYR B 68 5.47 -1.83 -11.14
CA TYR B 68 6.67 -2.38 -11.77
C TYR B 68 7.90 -1.51 -11.49
N TYR B 69 8.98 -2.16 -11.11
CA TYR B 69 10.23 -1.47 -10.83
C TYR B 69 11.34 -2.14 -11.66
N PRO B 70 11.87 -1.41 -12.65
CA PRO B 70 12.85 -2.04 -13.55
C PRO B 70 13.99 -2.61 -12.80
N GLY B 71 14.37 -3.86 -13.13
CA GLY B 71 15.45 -4.54 -12.44
C GLY B 71 15.05 -5.32 -11.17
N TYR B 72 13.75 -5.36 -10.89
CA TYR B 72 13.20 -6.05 -9.72
C TYR B 72 11.97 -6.81 -10.18
N GLU B 73 11.59 -7.86 -9.47
CA GLU B 73 10.28 -8.44 -9.72
C GLU B 73 9.72 -9.11 -8.46
N TRP B 74 8.40 -9.15 -8.42
CA TRP B 74 7.64 -9.77 -7.39
C TRP B 74 7.67 -11.26 -7.55
N LYS B 75 7.86 -11.98 -6.45
CA LYS B 75 7.73 -13.41 -6.40
C LYS B 75 6.87 -13.81 -5.23
N ILE B 76 6.37 -15.05 -5.24
CA ILE B 76 5.81 -15.64 -4.07
C ILE B 76 6.90 -16.41 -3.30
N VAL B 77 7.11 -16.03 -2.05
CA VAL B 77 8.09 -16.75 -1.23
C VAL B 77 7.41 -17.17 0.05
N GLY B 78 7.27 -18.48 0.25
CA GLY B 78 6.42 -19.00 1.27
C GLY B 78 4.99 -18.54 0.98
N ASP B 79 4.39 -17.80 1.90
CA ASP B 79 3.06 -17.24 1.68
C ASP B 79 3.13 -15.69 1.59
N ASN B 80 4.30 -15.15 1.24
CA ASN B 80 4.56 -13.76 1.25
C ASN B 80 4.69 -13.31 -0.20
N LEU B 81 4.35 -12.05 -0.44
CA LEU B 81 4.61 -11.40 -1.68
C LEU B 81 5.87 -10.57 -1.49
N VAL B 82 6.88 -10.84 -2.31
CA VAL B 82 8.22 -10.30 -2.09
C VAL B 82 8.75 -9.73 -3.40
N LEU B 83 9.24 -8.50 -3.31
CA LEU B 83 9.96 -7.83 -4.36
C LEU B 83 11.42 -8.12 -4.18
N ILE B 84 12.04 -8.63 -5.23
CA ILE B 84 13.42 -9.07 -5.27
C ILE B 84 14.23 -8.38 -6.36
N ALA B 85 15.42 -7.90 -6.06
CA ALA B 85 16.34 -7.37 -7.10
C ALA B 85 16.81 -8.53 -7.91
N LEU B 86 16.62 -8.44 -9.22
CA LEU B 86 16.90 -9.55 -10.09
C LEU B 86 18.42 -9.85 -10.12
N SER B 87 19.26 -8.82 -10.15
CA SER B 87 20.70 -9.05 -10.39
C SER B 87 21.38 -9.63 -9.18
N THR B 88 20.88 -9.30 -8.00
CA THR B 88 21.48 -9.72 -6.76
C THR B 88 20.67 -10.71 -5.92
N ALA B 89 19.41 -11.04 -6.28
CA ALA B 89 18.45 -11.74 -5.35
C ALA B 89 18.20 -11.05 -3.97
N VAL B 90 18.59 -9.78 -3.84
CA VAL B 90 18.27 -9.05 -2.63
C VAL B 90 16.79 -8.72 -2.45
N VAL B 91 16.28 -9.06 -1.26
CA VAL B 91 14.91 -8.84 -0.93
C VAL B 91 14.75 -7.36 -0.66
N THR B 92 13.87 -6.72 -1.44
CA THR B 92 13.67 -5.28 -1.42
C THR B 92 12.38 -4.85 -0.72
N ALA B 93 11.27 -5.60 -0.83
CA ALA B 93 10.10 -5.35 0.00
C ALA B 93 9.44 -6.67 0.28
N ILE B 94 8.78 -6.74 1.40
CA ILE B 94 8.00 -7.94 1.76
C ILE B 94 6.65 -7.52 2.21
N ILE B 95 5.67 -8.21 1.68
CA ILE B 95 4.30 -8.13 2.15
C ILE B 95 3.91 -9.45 2.72
N ASN B 96 3.68 -9.48 4.03
CA ASN B 96 3.62 -10.76 4.77
C ASN B 96 2.26 -11.38 4.76
N GLY B 97 2.24 -12.69 4.52
CA GLY B 97 1.07 -13.52 4.67
C GLY B 97 0.01 -13.32 3.61
N VAL B 98 0.37 -12.81 2.47
CA VAL B 98 -0.61 -12.49 1.42
C VAL B 98 -1.35 -13.72 0.85
N PHE B 99 -0.61 -14.82 0.76
CA PHE B 99 -1.10 -16.05 0.12
C PHE B 99 -1.42 -17.16 1.09
N ASP B 100 -1.57 -16.81 2.36
CA ASP B 100 -1.98 -17.74 3.38
C ASP B 100 -3.39 -18.39 2.99
N LEU B 101 -3.72 -19.47 3.71
CA LEU B 101 -4.99 -20.28 3.61
C LEU B 101 -6.31 -19.53 3.41
C1 EDO C . -4.25 8.79 -12.74
O1 EDO C . -4.92 9.63 -13.77
C2 EDO C . -3.12 9.50 -11.96
O2 EDO C . -2.03 8.70 -11.37
C1 EDO D . 3.37 4.36 6.75
O1 EDO D . 2.21 4.94 6.02
C2 EDO D . 3.12 2.95 7.32
O2 EDO D . 3.81 1.82 6.80
#